data_3JV5
#
_entry.id   3JV5
#
_cell.length_a   46.433
_cell.length_b   56.863
_cell.length_c   102.192
_cell.angle_alpha   90.000
_cell.angle_beta   97.770
_cell.angle_gamma   90.000
#
_symmetry.space_group_name_H-M   'P 1 21 1'
#
loop_
_entity.id
_entity.type
_entity.pdbx_description
1 polymer 'Nuclear factor NF-kappa-B p100 subunit'
2 water water
#
_entity_poly.entity_id   1
_entity_poly.type   'polypeptide(L)'
_entity_poly.pdbx_seq_one_letter_code
;ASNLKISRMDKTAGSVRGGDEVYLLCDKVQKDDIEVRFYEDDENGWQAFGDFSPTDVHKQYAIVFRTPPYHKMKIERPVT
VFLQLKRKRGGDVSDSKQFTYYPL
;
_entity_poly.pdbx_strand_id   A,B,C,D
#
# COMPACT_ATOMS: atom_id res chain seq x y z
N ALA A 1 -9.89 25.42 -20.51
CA ALA A 1 -8.86 26.18 -19.76
C ALA A 1 -9.11 27.68 -19.87
N SER A 2 -8.83 28.42 -18.79
CA SER A 2 -9.02 29.86 -18.74
C SER A 2 -7.84 30.58 -19.40
N ASN A 3 -6.81 30.85 -18.61
CA ASN A 3 -5.62 31.51 -19.12
C ASN A 3 -4.41 30.74 -18.63
N LEU A 4 -3.44 30.54 -19.52
CA LEU A 4 -2.24 29.81 -19.18
C LEU A 4 -1.49 30.42 -18.00
N LYS A 5 -0.92 29.56 -17.16
CA LYS A 5 -0.20 30.04 -16.00
C LYS A 5 0.92 29.10 -15.59
N ILE A 6 2.12 29.63 -15.40
CA ILE A 6 3.23 28.80 -14.96
C ILE A 6 3.21 29.03 -13.46
N SER A 7 2.83 28.00 -12.70
CA SER A 7 2.72 28.10 -11.24
C SER A 7 4.10 28.18 -10.59
N ARG A 8 5.00 27.30 -11.00
CA ARG A 8 6.34 27.28 -10.47
C ARG A 8 7.12 26.31 -11.31
N MET A 9 8.44 26.34 -11.20
CA MET A 9 9.22 25.41 -11.98
C MET A 9 10.62 25.12 -11.47
N ASP A 10 11.07 23.91 -11.80
CA ASP A 10 12.38 23.35 -11.48
C ASP A 10 13.52 24.33 -11.59
N LYS A 11 14.32 24.12 -12.62
CA LYS A 11 15.46 24.95 -12.91
C LYS A 11 14.95 26.23 -13.51
N THR A 12 15.87 27.17 -13.71
CA THR A 12 15.59 28.48 -14.30
C THR A 12 16.90 28.96 -14.84
N ALA A 13 17.78 28.00 -15.08
CA ALA A 13 19.11 28.26 -15.62
C ALA A 13 19.69 26.93 -16.02
N GLY A 14 20.49 26.92 -17.07
CA GLY A 14 21.08 25.69 -17.53
C GLY A 14 22.18 26.02 -18.50
N SER A 15 22.57 25.04 -19.32
CA SER A 15 23.63 25.27 -20.29
C SER A 15 23.13 25.79 -21.63
N VAL A 16 23.96 26.62 -22.24
CA VAL A 16 23.67 27.21 -23.53
C VAL A 16 23.45 26.12 -24.57
N ARG A 17 23.89 24.91 -24.28
CA ARG A 17 23.70 23.81 -25.23
C ARG A 17 22.35 23.14 -25.07
N GLY A 18 21.50 23.68 -24.19
CA GLY A 18 20.19 23.09 -24.00
C GLY A 18 20.37 21.68 -23.50
N GLY A 19 19.30 20.89 -23.47
CA GLY A 19 19.38 19.52 -22.99
C GLY A 19 19.11 19.29 -21.52
N ASP A 20 18.73 20.33 -20.79
CA ASP A 20 18.44 20.24 -19.34
C ASP A 20 16.94 19.99 -19.03
N GLU A 21 16.66 19.04 -18.14
CA GLU A 21 15.27 18.72 -17.78
C GLU A 21 14.62 19.69 -16.79
N VAL A 22 13.50 20.26 -17.21
CA VAL A 22 12.78 21.22 -16.37
C VAL A 22 11.37 20.77 -16.00
N TYR A 23 11.10 20.76 -14.70
CA TYR A 23 9.78 20.41 -14.24
C TYR A 23 9.05 21.74 -14.13
N LEU A 24 7.85 21.79 -14.69
CA LEU A 24 7.06 23.01 -14.68
C LEU A 24 5.59 22.74 -14.36
N LEU A 25 5.14 23.24 -13.22
CA LEU A 25 3.76 23.05 -12.80
C LEU A 25 2.94 24.21 -13.32
N CYS A 26 1.87 23.92 -14.04
CA CYS A 26 1.00 24.93 -14.63
C CYS A 26 -0.47 24.61 -14.43
N ASP A 27 -1.34 25.48 -14.93
CA ASP A 27 -2.78 25.25 -14.85
C ASP A 27 -3.17 24.26 -15.94
N LYS A 28 -4.46 24.00 -16.08
CA LYS A 28 -4.89 23.02 -17.08
C LYS A 28 -4.34 23.32 -18.49
N VAL A 29 -3.80 22.28 -19.09
CA VAL A 29 -3.21 22.29 -20.43
C VAL A 29 -3.55 20.95 -21.09
N GLN A 30 -3.57 20.91 -22.42
CA GLN A 30 -3.90 19.68 -23.13
C GLN A 30 -2.69 19.21 -23.94
N LYS A 31 -2.25 17.97 -23.67
CA LYS A 31 -1.08 17.37 -24.32
C LYS A 31 -0.73 17.81 -25.75
N ASP A 32 -1.64 17.64 -26.71
CA ASP A 32 -1.31 18.03 -28.07
C ASP A 32 -1.86 19.41 -28.41
N ASP A 33 -1.66 20.37 -27.53
CA ASP A 33 -2.17 21.71 -27.78
C ASP A 33 -1.47 22.74 -26.93
N ILE A 34 -0.28 22.41 -26.48
CA ILE A 34 0.46 23.34 -25.64
C ILE A 34 1.94 23.33 -26.00
N GLU A 35 2.60 24.45 -25.77
CA GLU A 35 4.01 24.57 -26.07
C GLU A 35 4.73 25.40 -25.04
N VAL A 36 6.04 25.21 -24.96
CA VAL A 36 6.85 25.97 -24.04
C VAL A 36 7.88 26.72 -24.88
N ARG A 37 7.52 27.96 -25.18
CA ARG A 37 8.30 28.83 -26.02
C ARG A 37 9.31 29.72 -25.33
N PHE A 38 10.54 29.66 -25.82
CA PHE A 38 11.65 30.48 -25.33
C PHE A 38 11.81 31.57 -26.39
N TYR A 39 12.22 32.78 -25.98
CA TYR A 39 12.34 33.85 -26.97
C TYR A 39 13.00 35.10 -26.41
N GLU A 40 13.18 36.10 -27.27
CA GLU A 40 13.78 37.40 -26.88
C GLU A 40 13.13 38.63 -27.55
N ASP A 41 12.83 39.65 -26.75
CA ASP A 41 12.24 40.93 -27.19
C ASP A 41 12.95 41.45 -28.44
N ASP A 42 14.22 41.08 -28.56
CA ASP A 42 15.15 41.41 -29.64
C ASP A 42 14.49 41.70 -30.99
N GLU A 43 15.27 42.23 -31.92
CA GLU A 43 14.77 42.50 -33.26
C GLU A 43 14.61 41.13 -33.88
N ASN A 44 15.70 40.36 -33.84
CA ASN A 44 15.71 39.01 -34.39
C ASN A 44 14.99 38.03 -33.48
N GLY A 45 14.06 38.55 -32.68
CA GLY A 45 13.28 37.76 -31.74
C GLY A 45 13.42 36.25 -31.76
N TRP A 46 14.63 35.77 -31.49
CA TRP A 46 14.96 34.35 -31.46
C TRP A 46 13.81 33.56 -30.85
N GLN A 47 13.64 32.31 -31.29
CA GLN A 47 12.57 31.47 -30.74
C GLN A 47 13.01 30.01 -30.71
N ALA A 48 12.71 29.34 -29.60
CA ALA A 48 13.03 27.93 -29.46
C ALA A 48 11.97 27.30 -28.57
N PHE A 49 11.89 25.98 -28.57
CA PHE A 49 10.88 25.30 -27.79
C PHE A 49 11.41 24.15 -26.98
N GLY A 50 10.82 23.97 -25.82
CA GLY A 50 11.24 22.87 -24.98
C GLY A 50 10.83 21.60 -25.67
N ASP A 51 11.72 20.62 -25.61
CA ASP A 51 11.54 19.30 -26.19
C ASP A 51 10.84 18.37 -25.18
N PHE A 52 9.82 17.65 -25.66
CA PHE A 52 9.06 16.69 -24.85
C PHE A 52 7.94 16.04 -25.66
N SER A 53 7.78 14.73 -25.51
CA SER A 53 6.72 14.02 -26.22
C SER A 53 5.43 14.27 -25.47
N PRO A 54 4.29 13.82 -26.00
CA PRO A 54 3.03 14.05 -25.29
C PRO A 54 2.89 13.24 -23.98
N THR A 55 3.80 12.29 -23.76
CA THR A 55 3.75 11.48 -22.55
C THR A 55 4.30 12.26 -21.35
N ASP A 56 5.11 13.26 -21.64
CA ASP A 56 5.73 14.11 -20.61
C ASP A 56 4.80 15.21 -20.13
N VAL A 57 3.54 15.15 -20.54
CA VAL A 57 2.54 16.13 -20.18
C VAL A 57 1.62 15.62 -19.04
N HIS A 58 2.25 15.11 -17.99
CA HIS A 58 1.59 14.55 -16.81
C HIS A 58 0.25 15.14 -16.31
N LYS A 59 -0.80 14.33 -16.40
CA LYS A 59 -2.14 14.68 -15.94
C LYS A 59 -2.72 16.09 -16.19
N GLN A 60 -2.28 16.75 -17.26
CA GLN A 60 -2.80 18.07 -17.63
C GLN A 60 -2.35 19.25 -16.78
N TYR A 61 -1.61 18.99 -15.71
CA TYR A 61 -1.20 20.09 -14.85
C TYR A 61 0.30 20.21 -14.65
N ALA A 62 1.06 19.62 -15.56
CA ALA A 62 2.51 19.70 -15.43
C ALA A 62 3.21 19.26 -16.70
N ILE A 63 4.43 19.76 -16.93
CA ILE A 63 5.19 19.40 -18.13
C ILE A 63 6.65 19.19 -17.83
N VAL A 64 7.15 17.99 -18.10
CA VAL A 64 8.55 17.62 -17.89
C VAL A 64 9.21 17.83 -19.24
N PHE A 65 10.19 18.70 -19.33
CA PHE A 65 10.81 18.92 -20.61
C PHE A 65 12.31 19.24 -20.58
N ARG A 66 12.94 19.09 -21.73
CA ARG A 66 14.37 19.38 -21.89
C ARG A 66 14.44 20.73 -22.61
N THR A 67 15.45 21.52 -22.30
CA THR A 67 15.58 22.84 -22.94
C THR A 67 16.15 22.73 -24.34
N PRO A 68 16.12 23.83 -25.08
CA PRO A 68 16.63 23.90 -26.44
C PRO A 68 17.91 24.73 -26.50
N PRO A 69 18.85 24.33 -27.36
CA PRO A 69 20.10 25.09 -27.46
C PRO A 69 19.83 26.55 -27.88
N TYR A 70 20.51 27.49 -27.22
CA TYR A 70 20.41 28.91 -27.54
C TYR A 70 20.99 29.14 -28.95
N HIS A 71 20.75 30.31 -29.53
CA HIS A 71 21.24 30.58 -30.89
C HIS A 71 22.73 31.00 -31.02
N LYS A 72 23.33 31.38 -29.90
CA LYS A 72 24.72 31.79 -29.85
C LYS A 72 25.37 30.80 -28.89
N MET A 73 26.08 29.81 -29.42
CA MET A 73 26.70 28.84 -28.55
C MET A 73 27.88 29.41 -27.79
N LYS A 74 28.58 30.34 -28.43
CA LYS A 74 29.73 30.96 -27.83
C LYS A 74 29.38 32.31 -27.23
N ILE A 75 28.72 32.33 -26.07
CA ILE A 75 28.37 33.59 -25.44
C ILE A 75 29.42 33.87 -24.38
N GLU A 76 29.79 35.15 -24.22
CA GLU A 76 30.79 35.54 -23.24
C GLU A 76 30.32 35.34 -21.82
N ARG A 77 29.10 35.78 -21.52
CA ARG A 77 28.55 35.68 -20.18
C ARG A 77 27.18 35.00 -20.17
N PRO A 78 26.51 34.98 -19.01
CA PRO A 78 25.19 34.35 -18.95
C PRO A 78 24.11 35.20 -19.59
N VAL A 79 23.37 34.60 -20.51
CA VAL A 79 22.33 35.31 -21.24
C VAL A 79 20.96 34.89 -20.77
N THR A 80 20.13 35.87 -20.40
CA THR A 80 18.78 35.60 -19.90
C THR A 80 17.73 35.78 -21.00
N VAL A 81 16.60 35.09 -20.86
CA VAL A 81 15.48 35.13 -21.82
C VAL A 81 14.12 34.82 -21.17
N PHE A 82 13.05 35.00 -21.94
CA PHE A 82 11.70 34.75 -21.44
C PHE A 82 11.25 33.43 -22.04
N LEU A 83 10.47 32.66 -21.29
CA LEU A 83 9.93 31.40 -21.80
C LEU A 83 8.50 31.30 -21.29
N GLN A 84 7.55 31.37 -22.21
CA GLN A 84 6.15 31.33 -21.85
C GLN A 84 5.47 30.09 -22.38
N LEU A 85 4.43 29.64 -21.70
CA LEU A 85 3.67 28.51 -22.19
C LEU A 85 2.82 29.12 -23.31
N LYS A 86 2.57 28.36 -24.37
CA LYS A 86 1.73 28.88 -25.45
C LYS A 86 0.80 27.79 -25.98
N ARG A 87 -0.35 28.20 -26.50
CA ARG A 87 -1.34 27.28 -27.03
C ARG A 87 -1.13 27.06 -28.52
N LYS A 88 -1.13 25.81 -28.95
CA LYS A 88 -0.94 25.50 -30.37
C LYS A 88 -2.10 25.94 -31.27
N ARG A 89 -3.28 26.15 -30.70
CA ARG A 89 -4.41 26.61 -31.50
C ARG A 89 -4.76 28.06 -31.22
N GLY A 90 -5.44 28.34 -30.12
CA GLY A 90 -5.80 29.70 -29.81
C GLY A 90 -4.63 30.64 -30.02
N GLY A 91 -3.45 30.24 -29.56
CA GLY A 91 -2.28 31.08 -29.71
C GLY A 91 -2.04 31.93 -28.48
N ASP A 92 -3.02 31.96 -27.57
CA ASP A 92 -2.87 32.75 -26.37
C ASP A 92 -1.71 32.19 -25.55
N VAL A 93 -1.22 32.97 -24.59
CA VAL A 93 -0.08 32.59 -23.77
C VAL A 93 -0.30 32.66 -22.26
N SER A 94 0.80 32.59 -21.52
CA SER A 94 0.80 32.68 -20.06
C SER A 94 1.81 33.77 -19.77
N ASP A 95 1.72 34.39 -18.60
CA ASP A 95 2.68 35.43 -18.26
C ASP A 95 4.05 34.80 -18.43
N SER A 96 4.99 35.56 -19.01
CA SER A 96 6.32 35.06 -19.28
C SER A 96 7.32 35.07 -18.11
N LYS A 97 7.97 33.94 -17.90
CA LYS A 97 8.97 33.81 -16.83
C LYS A 97 10.36 34.01 -17.46
N GLN A 98 11.40 34.05 -16.63
CA GLN A 98 12.75 34.25 -17.15
C GLN A 98 13.60 33.02 -16.97
N PHE A 99 14.44 32.73 -17.96
CA PHE A 99 15.34 31.59 -17.89
C PHE A 99 16.72 32.05 -18.36
N THR A 100 17.76 31.61 -17.68
CA THR A 100 19.09 32.05 -18.03
C THR A 100 20.07 30.99 -18.51
N TYR A 101 20.56 31.18 -19.73
CA TYR A 101 21.52 30.29 -20.36
C TYR A 101 22.93 30.61 -19.88
N TYR A 102 23.75 29.57 -19.71
CA TYR A 102 25.13 29.71 -19.26
C TYR A 102 26.13 29.21 -20.28
N PRO A 103 27.31 29.85 -20.34
CA PRO A 103 28.45 29.58 -21.23
C PRO A 103 29.15 28.28 -20.92
N LEU A 104 29.91 27.79 -21.88
CA LEU A 104 30.63 26.52 -21.71
C LEU A 104 32.05 26.73 -21.15
N SER B 2 -1.49 0.50 -2.95
CA SER B 2 -1.32 0.55 -4.43
C SER B 2 -2.31 1.50 -5.07
N ASN B 3 -3.03 2.26 -4.24
CA ASN B 3 -4.01 3.23 -4.71
C ASN B 3 -3.24 4.47 -5.18
N LEU B 4 -2.22 4.82 -4.40
CA LEU B 4 -1.35 5.95 -4.66
C LEU B 4 -0.22 5.57 -5.63
N LYS B 5 0.22 6.53 -6.43
CA LYS B 5 1.29 6.26 -7.37
C LYS B 5 2.19 7.46 -7.59
N ILE B 6 3.49 7.21 -7.70
CA ILE B 6 4.48 8.27 -7.96
C ILE B 6 4.87 8.11 -9.42
N SER B 7 4.49 9.06 -10.26
CA SER B 7 4.83 8.94 -11.68
C SER B 7 6.28 9.25 -11.96
N ARG B 8 6.75 10.42 -11.52
CA ARG B 8 8.11 10.86 -11.78
C ARG B 8 8.59 11.84 -10.74
N MET B 9 9.90 11.85 -10.51
CA MET B 9 10.54 12.73 -9.54
C MET B 9 11.67 13.59 -10.06
N ASP B 10 11.64 14.82 -9.59
CA ASP B 10 12.61 15.87 -9.88
C ASP B 10 14.06 15.37 -9.71
N LYS B 11 14.32 14.75 -8.57
CA LYS B 11 15.64 14.20 -8.25
C LYS B 11 15.53 12.87 -7.48
N THR B 12 16.61 12.09 -7.46
CA THR B 12 16.62 10.81 -6.77
C THR B 12 17.85 10.66 -5.87
N ALA B 13 18.48 11.79 -5.56
CA ALA B 13 19.67 11.81 -4.72
C ALA B 13 19.78 13.18 -4.09
N GLY B 14 20.64 13.29 -3.08
CA GLY B 14 20.83 14.56 -2.42
C GLY B 14 21.72 14.51 -1.20
N SER B 15 22.04 15.69 -0.68
CA SER B 15 22.88 15.83 0.49
C SER B 15 22.21 15.20 1.71
N VAL B 16 23.00 14.45 2.47
CA VAL B 16 22.53 13.77 3.66
C VAL B 16 21.94 14.77 4.64
N ARG B 17 22.22 16.06 4.43
CA ARG B 17 21.71 17.14 5.29
C ARG B 17 20.25 17.41 5.01
N GLY B 18 19.74 16.84 3.92
CA GLY B 18 18.35 17.08 3.58
C GLY B 18 18.26 18.53 3.18
N GLY B 19 17.04 19.06 3.11
CA GLY B 19 16.84 20.44 2.71
C GLY B 19 16.75 20.59 1.20
N ASP B 20 16.77 19.47 0.50
CA ASP B 20 16.71 19.44 -0.96
C ASP B 20 15.27 19.50 -1.43
N GLU B 21 14.99 20.40 -2.38
CA GLU B 21 13.64 20.52 -2.95
C GLU B 21 13.48 19.57 -4.12
N VAL B 22 12.38 18.80 -4.07
CA VAL B 22 12.08 17.82 -5.08
C VAL B 22 10.68 18.01 -5.59
N TYR B 23 10.52 17.91 -6.90
CA TYR B 23 9.21 18.02 -7.53
C TYR B 23 8.76 16.58 -7.75
N LEU B 24 7.55 16.25 -7.34
CA LEU B 24 7.07 14.88 -7.50
C LEU B 24 5.75 14.77 -8.25
N LEU B 25 5.78 14.03 -9.34
CA LEU B 25 4.59 13.83 -10.12
C LEU B 25 3.91 12.54 -9.65
N CYS B 26 2.66 12.67 -9.25
CA CYS B 26 1.88 11.55 -8.74
C CYS B 26 0.42 11.49 -9.26
N ASP B 27 -0.24 10.38 -8.98
CA ASP B 27 -1.61 10.24 -9.36
C ASP B 27 -2.39 11.02 -8.30
N LYS B 28 -3.67 11.26 -8.58
CA LYS B 28 -4.53 11.99 -7.66
C LYS B 28 -4.16 11.75 -6.20
N VAL B 29 -4.14 12.83 -5.42
CA VAL B 29 -3.86 12.75 -3.98
C VAL B 29 -4.59 13.91 -3.29
N GLN B 30 -5.06 13.66 -2.07
CA GLN B 30 -5.78 14.68 -1.29
C GLN B 30 -4.76 15.50 -0.52
N LYS B 31 -4.69 16.80 -0.79
CA LYS B 31 -3.68 17.63 -0.14
C LYS B 31 -3.70 17.68 1.38
N ASP B 32 -4.77 17.23 2.02
CA ASP B 32 -4.80 17.26 3.46
C ASP B 32 -4.63 15.90 4.09
N ASP B 33 -4.33 14.91 3.26
CA ASP B 33 -4.15 13.56 3.78
C ASP B 33 -3.04 12.82 3.03
N ILE B 34 -1.91 13.48 2.86
CA ILE B 34 -0.78 12.87 2.18
C ILE B 34 0.53 13.30 2.83
N GLU B 35 1.48 12.36 2.82
CA GLU B 35 2.81 12.62 3.36
C GLU B 35 3.79 11.85 2.51
N VAL B 36 5.05 12.26 2.56
CA VAL B 36 6.10 11.58 1.78
C VAL B 36 7.06 10.95 2.80
N ARG B 37 6.96 9.63 2.96
CA ARG B 37 7.81 8.95 3.93
C ARG B 37 9.10 8.37 3.35
N PHE B 38 10.21 8.73 3.98
CA PHE B 38 11.54 8.25 3.61
C PHE B 38 11.81 7.20 4.66
N TYR B 39 12.14 5.99 4.23
CA TYR B 39 12.39 4.96 5.20
C TYR B 39 13.35 3.91 4.72
N GLU B 40 13.80 3.10 5.67
CA GLU B 40 14.69 2.00 5.40
C GLU B 40 14.01 0.72 5.87
N ASP B 41 14.10 -0.32 5.06
CA ASP B 41 13.51 -1.58 5.41
C ASP B 41 14.54 -2.41 6.15
N ASP B 42 14.64 -2.20 7.45
CA ASP B 42 15.59 -2.96 8.27
C ASP B 42 15.18 -2.88 9.74
N GLU B 43 15.64 -3.83 10.55
CA GLU B 43 15.29 -3.90 11.96
C GLU B 43 15.26 -2.56 12.71
N ASN B 44 16.05 -1.60 12.27
CA ASN B 44 16.09 -0.27 12.92
C ASN B 44 14.84 0.50 12.53
N GLY B 45 14.38 0.31 11.31
CA GLY B 45 13.17 0.96 10.83
C GLY B 45 13.10 2.48 10.79
N TRP B 46 14.19 3.13 10.40
CA TRP B 46 14.24 4.59 10.31
C TRP B 46 13.18 5.19 9.37
N GLN B 47 12.79 6.43 9.65
CA GLN B 47 11.82 7.13 8.83
C GLN B 47 11.87 8.63 9.13
N ALA B 48 11.93 9.43 8.09
CA ALA B 48 11.93 10.89 8.18
C ALA B 48 10.86 11.30 7.19
N PHE B 49 10.41 12.55 7.22
CA PHE B 49 9.34 12.93 6.30
C PHE B 49 9.60 14.11 5.38
N GLY B 50 8.89 14.12 4.26
CA GLY B 50 9.03 15.19 3.31
C GLY B 50 8.36 16.41 3.89
N ASP B 51 9.09 17.52 3.91
CA ASP B 51 8.59 18.77 4.45
C ASP B 51 7.83 19.54 3.39
N PHE B 52 6.68 20.10 3.78
CA PHE B 52 5.86 20.90 2.87
C PHE B 52 4.48 21.14 3.47
N SER B 53 3.85 22.23 3.04
CA SER B 53 2.51 22.60 3.50
C SER B 53 1.53 22.24 2.38
N PRO B 54 0.21 22.36 2.65
CA PRO B 54 -0.86 22.05 1.69
C PRO B 54 -0.70 22.71 0.32
N THR B 55 -0.36 23.99 0.35
CA THR B 55 -0.18 24.80 -0.85
C THR B 55 0.85 24.26 -1.84
N ASP B 56 1.79 23.44 -1.35
CA ASP B 56 2.79 22.87 -2.22
C ASP B 56 2.22 21.69 -3.00
N VAL B 57 1.04 21.21 -2.61
CA VAL B 57 0.46 20.12 -3.40
C VAL B 57 -0.25 20.82 -4.54
N HIS B 58 0.24 20.57 -5.75
CA HIS B 58 -0.30 21.19 -6.95
C HIS B 58 -1.47 20.39 -7.54
N LYS B 59 -2.62 21.03 -7.65
CA LYS B 59 -3.81 20.41 -8.24
C LYS B 59 -4.02 18.93 -7.91
N GLN B 60 -3.54 18.50 -6.75
CA GLN B 60 -3.69 17.11 -6.34
C GLN B 60 -2.88 16.13 -7.18
N TYR B 61 -2.00 16.64 -8.04
CA TYR B 61 -1.22 15.77 -8.89
C TYR B 61 0.29 15.99 -8.87
N ALA B 62 0.79 16.71 -7.87
CA ALA B 62 2.23 16.96 -7.77
C ALA B 62 2.57 17.50 -6.39
N ILE B 63 3.78 17.24 -5.91
CA ILE B 63 4.20 17.72 -4.60
C ILE B 63 5.61 18.28 -4.60
N VAL B 64 5.76 19.53 -4.20
CA VAL B 64 7.07 20.16 -4.12
C VAL B 64 7.42 20.20 -2.64
N PHE B 65 8.38 19.37 -2.23
CA PHE B 65 8.79 19.26 -0.84
C PHE B 65 10.29 19.35 -0.64
N ARG B 66 10.70 19.39 0.63
CA ARG B 66 12.10 19.46 1.00
C ARG B 66 12.43 18.12 1.66
N THR B 67 13.52 17.49 1.21
CA THR B 67 13.94 16.21 1.74
C THR B 67 14.28 16.27 3.23
N PRO B 68 14.20 15.14 3.93
CA PRO B 68 14.54 15.19 5.34
C PRO B 68 16.01 14.77 5.40
N PRO B 69 16.68 14.91 6.56
CA PRO B 69 18.07 14.48 6.55
C PRO B 69 18.20 13.05 7.04
N TYR B 70 19.31 12.42 6.69
CA TYR B 70 19.59 11.05 7.09
C TYR B 70 19.94 11.08 8.57
N HIS B 71 19.84 9.93 9.24
CA HIS B 71 20.14 9.89 10.67
C HIS B 71 21.63 9.84 11.02
N LYS B 72 22.47 9.74 10.00
CA LYS B 72 23.92 9.70 10.17
C LYS B 72 24.54 10.58 9.09
N MET B 73 25.18 11.68 9.49
CA MET B 73 25.80 12.60 8.54
C MET B 73 27.21 12.15 8.11
N LYS B 74 27.81 11.25 8.88
CA LYS B 74 29.15 10.79 8.57
C LYS B 74 29.12 9.47 7.83
N ILE B 75 28.64 9.49 6.60
CA ILE B 75 28.60 8.29 5.80
C ILE B 75 29.71 8.40 4.77
N GLU B 76 30.36 7.27 4.50
CA GLU B 76 31.47 7.20 3.55
C GLU B 76 31.04 7.19 2.09
N ARG B 77 30.06 6.34 1.77
CA ARG B 77 29.56 6.22 0.42
C ARG B 77 28.06 6.56 0.40
N PRO B 78 27.47 6.72 -0.81
CA PRO B 78 26.04 7.05 -0.94
C PRO B 78 25.14 5.93 -0.42
N VAL B 79 24.14 6.31 0.37
CA VAL B 79 23.22 5.34 0.92
C VAL B 79 21.87 5.45 0.24
N THR B 80 21.33 4.30 -0.15
CA THR B 80 20.02 4.30 -0.78
C THR B 80 18.94 3.97 0.25
N VAL B 81 17.80 4.64 0.13
CA VAL B 81 16.70 4.41 1.03
C VAL B 81 15.46 4.41 0.16
N PHE B 82 14.32 4.03 0.73
CA PHE B 82 13.06 4.01 0.00
C PHE B 82 12.24 5.22 0.40
N LEU B 83 11.38 5.65 -0.52
CA LEU B 83 10.50 6.77 -0.23
C LEU B 83 9.21 6.51 -0.95
N GLN B 84 8.13 6.67 -0.23
CA GLN B 84 6.81 6.43 -0.75
C GLN B 84 5.83 7.52 -0.37
N LEU B 85 4.62 7.37 -0.86
CA LEU B 85 3.53 8.28 -0.58
C LEU B 85 2.59 7.48 0.30
N LYS B 86 1.91 8.16 1.22
CA LYS B 86 0.98 7.48 2.12
C LYS B 86 0.01 8.48 2.75
N ARG B 87 -1.18 8.00 3.06
CA ARG B 87 -2.18 8.84 3.72
C ARG B 87 -1.70 8.87 5.17
N LYS B 88 -1.84 10.01 5.84
CA LYS B 88 -1.38 10.15 7.22
C LYS B 88 -1.43 8.88 8.05
N ARG B 89 -2.38 8.81 8.98
CA ARG B 89 -2.53 7.60 9.82
C ARG B 89 -2.77 6.53 8.81
N GLY B 90 -3.35 6.98 7.70
CA GLY B 90 -3.70 6.12 6.60
C GLY B 90 -2.92 4.84 6.45
N GLY B 91 -3.59 3.87 5.87
CA GLY B 91 -3.00 2.58 5.62
C GLY B 91 -3.14 2.37 4.14
N ASP B 92 -2.87 3.43 3.38
CA ASP B 92 -2.93 3.38 1.93
C ASP B 92 -1.59 3.99 1.51
N VAL B 93 -0.88 3.32 0.60
CA VAL B 93 0.40 3.83 0.13
C VAL B 93 0.70 3.61 -1.36
N SER B 94 1.75 4.26 -1.84
CA SER B 94 2.17 4.13 -3.24
C SER B 94 3.33 3.15 -3.25
N ASP B 95 3.64 2.62 -4.44
CA ASP B 95 4.76 1.72 -4.57
C ASP B 95 5.92 2.58 -4.12
N SER B 96 7.02 1.95 -3.73
CA SER B 96 8.13 2.70 -3.20
C SER B 96 9.30 2.80 -4.14
N LYS B 97 9.75 4.03 -4.37
CA LYS B 97 10.88 4.31 -5.23
C LYS B 97 12.13 4.46 -4.36
N GLN B 98 13.28 4.50 -5.01
CA GLN B 98 14.54 4.65 -4.30
C GLN B 98 15.07 6.09 -4.31
N PHE B 99 15.73 6.45 -3.23
CA PHE B 99 16.32 7.78 -3.07
C PHE B 99 17.66 7.61 -2.35
N THR B 100 18.72 8.14 -2.95
CA THR B 100 20.05 8.02 -2.37
C THR B 100 20.55 9.30 -1.70
N TYR B 101 21.24 9.14 -0.57
CA TYR B 101 21.80 10.25 0.18
C TYR B 101 23.29 10.28 -0.06
N TYR B 102 23.84 11.47 -0.24
CA TYR B 102 25.27 11.61 -0.46
C TYR B 102 25.98 12.33 0.69
N PRO B 103 27.27 12.03 0.89
CA PRO B 103 28.14 12.59 1.94
C PRO B 103 28.27 14.10 2.00
N LEU B 104 29.45 14.57 2.37
CA LEU B 104 29.68 16.01 2.47
C LEU B 104 31.04 16.45 1.90
N ASN C 3 0.95 -7.89 -4.10
CA ASN C 3 0.10 -6.96 -3.32
C ASN C 3 -0.53 -7.70 -2.15
N LEU C 4 -0.65 -7.02 -1.00
CA LEU C 4 -1.24 -7.62 0.19
C LEU C 4 -2.77 -7.61 0.20
N LYS C 5 -3.37 -8.74 0.56
CA LYS C 5 -4.83 -8.83 0.59
C LYS C 5 -5.32 -9.77 1.66
N ILE C 6 -6.39 -9.35 2.34
CA ILE C 6 -7.01 -10.17 3.35
C ILE C 6 -8.26 -10.74 2.71
N SER C 7 -8.33 -12.05 2.56
CA SER C 7 -9.49 -12.66 1.94
C SER C 7 -10.70 -12.77 2.86
N ARG C 8 -10.48 -13.21 4.09
CA ARG C 8 -11.58 -13.33 5.06
C ARG C 8 -11.06 -13.62 6.44
N MET C 9 -11.87 -13.28 7.45
CA MET C 9 -11.44 -13.52 8.82
C MET C 9 -12.45 -14.13 9.75
N ASP C 10 -11.88 -14.89 10.67
CA ASP C 10 -12.58 -15.64 11.70
C ASP C 10 -13.60 -14.80 12.47
N LYS C 11 -13.20 -13.60 12.91
CA LYS C 11 -14.05 -12.69 13.68
C LYS C 11 -13.91 -11.25 13.19
N THR C 12 -14.91 -10.44 13.52
CA THR C 12 -14.96 -9.02 13.14
C THR C 12 -15.20 -8.15 14.34
N ALA C 13 -15.23 -8.76 15.52
CA ALA C 13 -15.48 -8.02 16.75
C ALA C 13 -14.86 -8.74 17.93
N GLY C 14 -14.81 -8.07 19.08
CA GLY C 14 -14.24 -8.70 20.26
C GLY C 14 -14.22 -7.79 21.46
N SER C 15 -13.79 -8.33 22.61
CA SER C 15 -13.73 -7.56 23.83
C SER C 15 -12.64 -6.52 23.73
N VAL C 16 -12.95 -5.33 24.17
CA VAL C 16 -12.04 -4.20 24.14
C VAL C 16 -10.73 -4.50 24.87
N ARG C 17 -10.71 -5.57 25.65
CA ARG C 17 -9.53 -5.96 26.39
C ARG C 17 -8.53 -6.74 25.52
N GLY C 18 -8.92 -7.00 24.27
CA GLY C 18 -8.04 -7.75 23.39
C GLY C 18 -7.88 -9.17 23.87
N GLY C 19 -6.88 -9.87 23.35
CA GLY C 19 -6.65 -11.24 23.76
C GLY C 19 -7.49 -12.24 23.00
N ASP C 20 -8.24 -11.75 22.02
CA ASP C 20 -9.10 -12.61 21.22
C ASP C 20 -8.32 -13.18 20.04
N GLU C 21 -8.46 -14.49 19.83
CA GLU C 21 -7.78 -15.19 18.74
C GLU C 21 -8.58 -15.10 17.43
N VAL C 22 -7.90 -14.69 16.38
CA VAL C 22 -8.50 -14.53 15.06
C VAL C 22 -7.77 -15.27 13.96
N TYR C 23 -8.52 -16.02 13.16
CA TYR C 23 -7.92 -16.71 12.04
C TYR C 23 -8.08 -15.77 10.87
N LEU C 24 -7.00 -15.55 10.12
CA LEU C 24 -7.08 -14.63 9.01
C LEU C 24 -6.59 -15.25 7.70
N LEU C 25 -7.47 -15.31 6.71
CA LEU C 25 -7.10 -15.85 5.41
C LEU C 25 -6.65 -14.70 4.53
N CYS C 26 -5.42 -14.77 4.03
CA CYS C 26 -4.87 -13.71 3.20
C CYS C 26 -4.13 -14.25 2.00
N ASP C 27 -3.72 -13.34 1.13
CA ASP C 27 -2.99 -13.71 -0.06
C ASP C 27 -1.54 -13.82 0.39
N LYS C 28 -0.73 -14.50 -0.41
CA LYS C 28 0.69 -14.71 -0.12
C LYS C 28 1.30 -13.66 0.82
N VAL C 29 2.02 -14.11 1.84
CA VAL C 29 2.67 -13.22 2.81
C VAL C 29 3.95 -13.85 3.33
N GLN C 30 4.94 -13.01 3.65
CA GLN C 30 6.24 -13.44 4.18
C GLN C 30 6.17 -13.54 5.70
N LYS C 31 6.29 -14.76 6.23
CA LYS C 31 6.22 -15.00 7.67
C LYS C 31 7.12 -14.11 8.54
N ASP C 32 8.22 -13.62 7.97
CA ASP C 32 9.13 -12.78 8.73
C ASP C 32 9.07 -11.29 8.41
N ASP C 33 8.10 -10.90 7.58
CA ASP C 33 7.95 -9.51 7.20
C ASP C 33 6.47 -9.21 7.12
N ILE C 34 5.76 -9.58 8.17
CA ILE C 34 4.33 -9.35 8.22
C ILE C 34 3.84 -8.94 9.61
N GLU C 35 2.88 -8.02 9.63
CA GLU C 35 2.29 -7.51 10.87
C GLU C 35 0.80 -7.22 10.65
N VAL C 36 0.02 -7.18 11.71
CA VAL C 36 -1.38 -6.86 11.56
C VAL C 36 -1.68 -5.64 12.41
N ARG C 37 -1.76 -4.50 11.74
CA ARG C 37 -1.98 -3.21 12.40
C ARG C 37 -3.45 -2.83 12.56
N PHE C 38 -3.82 -2.48 13.79
CA PHE C 38 -5.17 -2.02 14.09
C PHE C 38 -4.94 -0.52 14.32
N TYR C 39 -5.71 0.32 13.62
CA TYR C 39 -5.57 1.76 13.73
C TYR C 39 -6.89 2.48 13.47
N GLU C 40 -6.92 3.79 13.69
CA GLU C 40 -8.11 4.56 13.38
C GLU C 40 -7.76 5.89 12.70
N ASP C 41 -8.48 6.18 11.62
CA ASP C 41 -8.30 7.38 10.80
C ASP C 41 -8.75 8.68 11.48
N ASP C 42 -8.12 9.06 12.58
CA ASP C 42 -8.48 10.31 13.24
C ASP C 42 -7.22 11.14 13.43
N GLU C 43 -7.34 12.28 14.07
CA GLU C 43 -6.19 13.15 14.27
C GLU C 43 -5.10 12.63 15.21
N ASN C 44 -5.45 11.73 16.14
CA ASN C 44 -4.44 11.21 17.05
C ASN C 44 -3.99 9.80 16.70
N GLY C 45 -3.97 9.49 15.41
CA GLY C 45 -3.57 8.20 14.88
C GLY C 45 -3.15 7.13 15.88
N TRP C 46 -4.12 6.35 16.33
CA TRP C 46 -3.85 5.30 17.29
C TRP C 46 -3.59 4.01 16.54
N GLN C 47 -2.64 3.24 17.06
CA GLN C 47 -2.34 1.97 16.43
C GLN C 47 -1.87 0.96 17.47
N ALA C 48 -2.25 -0.29 17.22
CA ALA C 48 -1.92 -1.40 18.08
C ALA C 48 -1.70 -2.56 17.13
N PHE C 49 -0.92 -3.55 17.56
CA PHE C 49 -0.64 -4.69 16.70
C PHE C 49 -1.09 -6.04 17.28
N GLY C 50 -1.71 -6.85 16.44
CA GLY C 50 -2.13 -8.16 16.90
C GLY C 50 -0.86 -8.85 17.34
N ASP C 51 -1.00 -9.94 18.08
CA ASP C 51 0.16 -10.68 18.56
C ASP C 51 0.24 -12.10 17.98
N PHE C 52 1.46 -12.56 17.74
CA PHE C 52 1.70 -13.90 17.18
C PHE C 52 3.15 -14.04 16.71
N SER C 53 3.64 -15.27 16.71
CA SER C 53 5.00 -15.58 16.28
C SER C 53 4.94 -16.02 14.84
N PRO C 54 6.10 -16.15 14.17
CA PRO C 54 6.09 -16.58 12.77
C PRO C 54 5.49 -17.97 12.50
N THR C 55 5.50 -18.85 13.49
CA THR C 55 4.92 -20.18 13.33
C THR C 55 3.40 -20.12 13.22
N ASP C 56 2.81 -19.00 13.61
CA ASP C 56 1.37 -18.78 13.52
C ASP C 56 1.03 -18.41 12.08
N VAL C 57 2.05 -18.14 11.29
CA VAL C 57 1.81 -17.83 9.89
C VAL C 57 1.75 -19.20 9.20
N HIS C 58 0.56 -19.60 8.74
CA HIS C 58 0.39 -20.89 8.08
C HIS C 58 0.66 -20.81 6.57
N LYS C 59 1.61 -21.63 6.12
CA LYS C 59 1.99 -21.72 4.71
C LYS C 59 1.97 -20.40 3.92
N GLN C 60 2.17 -19.28 4.61
CA GLN C 60 2.18 -17.97 3.96
C GLN C 60 0.80 -17.51 3.48
N TYR C 61 -0.24 -18.20 3.90
CA TYR C 61 -1.57 -17.84 3.47
C TYR C 61 -2.62 -17.73 4.55
N ALA C 62 -2.18 -17.60 5.81
CA ALA C 62 -3.12 -17.47 6.93
C ALA C 62 -2.42 -17.05 8.21
N ILE C 63 -3.10 -16.31 9.06
CA ILE C 63 -2.49 -15.89 10.31
C ILE C 63 -3.42 -16.01 11.51
N VAL C 64 -2.98 -16.76 12.50
CA VAL C 64 -3.74 -16.93 13.72
C VAL C 64 -3.03 -16.09 14.77
N PHE C 65 -3.67 -15.01 15.21
CA PHE C 65 -3.10 -14.10 16.21
C PHE C 65 -4.13 -13.70 17.27
N ARG C 66 -3.68 -12.94 18.26
CA ARG C 66 -4.58 -12.42 19.28
C ARG C 66 -4.64 -10.89 19.14
N THR C 67 -5.86 -10.38 19.14
CA THR C 67 -6.13 -8.97 19.00
C THR C 67 -5.53 -8.15 20.13
N PRO C 68 -5.18 -6.90 19.82
CA PRO C 68 -4.62 -6.06 20.88
C PRO C 68 -5.81 -5.39 21.57
N PRO C 69 -5.56 -4.70 22.69
CA PRO C 69 -6.69 -4.05 23.36
C PRO C 69 -6.82 -2.61 22.90
N TYR C 70 -8.01 -2.05 23.10
CA TYR C 70 -8.26 -0.67 22.71
C TYR C 70 -7.57 0.23 23.71
N HIS C 71 -7.49 1.52 23.40
CA HIS C 71 -6.80 2.45 24.29
C HIS C 71 -7.64 2.91 25.47
N LYS C 72 -8.93 2.59 25.45
CA LYS C 72 -9.82 2.93 26.56
C LYS C 72 -10.78 1.80 26.77
N MET C 73 -10.74 1.23 27.98
CA MET C 73 -11.59 0.10 28.33
C MET C 73 -13.01 0.51 28.75
N LYS C 74 -13.20 1.80 29.00
CA LYS C 74 -14.51 2.28 29.40
C LYS C 74 -15.26 2.93 28.26
N ILE C 75 -15.71 2.12 27.30
CA ILE C 75 -16.49 2.64 26.18
C ILE C 75 -17.92 2.19 26.41
N GLU C 76 -18.88 3.06 26.13
CA GLU C 76 -20.28 2.71 26.32
C GLU C 76 -20.89 1.93 25.18
N ARG C 77 -20.48 2.23 23.95
CA ARG C 77 -20.99 1.53 22.79
C ARG C 77 -19.81 0.93 22.01
N PRO C 78 -20.07 -0.09 21.18
CA PRO C 78 -18.96 -0.67 20.43
C PRO C 78 -18.28 0.30 19.45
N VAL C 79 -16.96 0.27 19.46
CA VAL C 79 -16.16 1.14 18.60
C VAL C 79 -15.55 0.37 17.46
N THR C 80 -15.61 0.94 16.26
CA THR C 80 -15.03 0.26 15.12
C THR C 80 -13.72 0.93 14.73
N VAL C 81 -12.77 0.12 14.32
CA VAL C 81 -11.48 0.61 13.87
C VAL C 81 -11.11 -0.16 12.64
N PHE C 82 -10.01 0.24 12.00
CA PHE C 82 -9.54 -0.41 10.80
C PHE C 82 -8.44 -1.38 11.17
N LEU C 83 -8.27 -2.42 10.37
CA LEU C 83 -7.23 -3.39 10.63
C LEU C 83 -6.69 -3.78 9.28
N GLN C 84 -5.36 -3.74 9.15
CA GLN C 84 -4.69 -4.02 7.88
C GLN C 84 -3.47 -4.94 8.00
N LEU C 85 -3.00 -5.41 6.85
CA LEU C 85 -1.81 -6.24 6.81
C LEU C 85 -0.74 -5.27 6.36
N LYS C 86 0.47 -5.41 6.88
CA LYS C 86 1.55 -4.51 6.52
C LYS C 86 2.92 -5.15 6.71
N ARG C 87 3.87 -4.88 5.81
CA ARG C 87 5.19 -5.44 5.98
C ARG C 87 5.78 -4.55 7.06
N LYS C 88 6.57 -5.12 7.94
CA LYS C 88 7.20 -4.38 9.03
C LYS C 88 7.43 -2.88 8.76
N ARG C 89 8.69 -2.46 8.64
CA ARG C 89 8.97 -1.04 8.38
C ARG C 89 8.37 -0.83 7.01
N GLY C 90 8.15 -1.95 6.35
CA GLY C 90 7.58 -1.97 5.02
C GLY C 90 6.56 -0.89 4.76
N GLY C 91 6.43 -0.59 3.48
CA GLY C 91 5.50 0.42 3.06
C GLY C 91 4.60 -0.24 2.05
N ASP C 92 4.27 -1.51 2.30
CA ASP C 92 3.33 -2.23 1.43
C ASP C 92 2.24 -2.71 2.37
N VAL C 93 0.99 -2.48 1.98
CA VAL C 93 -0.14 -2.87 2.84
C VAL C 93 -1.29 -3.51 2.08
N SER C 94 -2.22 -4.04 2.85
CA SER C 94 -3.44 -4.67 2.35
C SER C 94 -4.55 -3.63 2.48
N ASP C 95 -5.64 -3.80 1.73
CA ASP C 95 -6.76 -2.88 1.85
C ASP C 95 -7.16 -3.05 3.31
N SER C 96 -7.80 -2.05 3.87
CA SER C 96 -8.17 -2.13 5.28
C SER C 96 -9.59 -2.58 5.58
N LYS C 97 -9.70 -3.63 6.39
CA LYS C 97 -10.99 -4.16 6.79
C LYS C 97 -11.38 -3.52 8.13
N GLN C 98 -12.64 -3.66 8.51
CA GLN C 98 -13.14 -3.08 9.75
C GLN C 98 -13.22 -4.08 10.89
N PHE C 99 -12.92 -3.63 12.10
CA PHE C 99 -12.97 -4.47 13.29
C PHE C 99 -13.59 -3.70 14.43
N THR C 100 -14.56 -4.30 15.09
CA THR C 100 -15.25 -3.61 16.17
C THR C 100 -14.90 -4.14 17.56
N TYR C 101 -14.78 -3.21 18.50
CA TYR C 101 -14.47 -3.53 19.88
C TYR C 101 -15.70 -3.40 20.74
N TYR C 102 -15.93 -4.37 21.62
CA TYR C 102 -17.09 -4.34 22.51
C TYR C 102 -16.69 -4.11 23.97
N PRO C 103 -17.58 -3.49 24.76
CA PRO C 103 -17.43 -3.15 26.18
C PRO C 103 -17.26 -4.35 27.14
N LEU C 104 -18.01 -4.32 28.25
CA LEU C 104 -17.98 -5.35 29.30
C LEU C 104 -17.71 -6.76 28.76
N SER D 2 -0.41 -33.65 -1.61
CA SER D 2 0.10 -34.90 -0.98
C SER D 2 -0.32 -34.97 0.49
N ASN D 3 0.34 -35.85 1.23
CA ASN D 3 0.10 -36.07 2.68
C ASN D 3 -0.98 -35.21 3.30
N LEU D 4 -2.12 -35.81 3.62
CA LEU D 4 -3.20 -35.06 4.25
C LEU D 4 -2.88 -34.87 5.73
N LYS D 5 -2.69 -33.61 6.13
CA LYS D 5 -2.41 -33.31 7.52
C LYS D 5 -3.21 -32.09 7.94
N ILE D 6 -3.97 -32.25 9.02
CA ILE D 6 -4.79 -31.18 9.54
C ILE D 6 -3.98 -30.36 10.53
N SER D 7 -3.50 -29.20 10.07
CA SER D 7 -2.69 -28.32 10.90
C SER D 7 -3.44 -27.70 12.07
N ARG D 8 -3.96 -26.49 11.89
CA ARG D 8 -4.68 -25.80 12.96
C ARG D 8 -6.20 -25.80 12.75
N MET D 9 -6.93 -25.43 13.80
CA MET D 9 -8.39 -25.41 13.71
C MET D 9 -9.09 -24.39 14.60
N ASP D 10 -9.92 -23.58 13.98
CA ASP D 10 -10.70 -22.52 14.62
C ASP D 10 -11.37 -22.99 15.91
N LYS D 11 -12.65 -23.37 15.83
CA LYS D 11 -13.41 -23.86 16.98
C LYS D 11 -13.42 -25.38 16.98
N THR D 12 -13.28 -25.98 18.15
CA THR D 12 -13.24 -27.43 18.25
C THR D 12 -14.47 -27.99 18.92
N ALA D 13 -15.54 -27.19 18.93
CA ALA D 13 -16.82 -27.58 19.51
C ALA D 13 -17.90 -26.61 19.01
N GLY D 14 -19.12 -27.10 18.90
CA GLY D 14 -20.21 -26.24 18.43
C GLY D 14 -21.56 -26.89 18.69
N SER D 15 -22.61 -26.27 18.18
CA SER D 15 -23.95 -26.81 18.37
C SER D 15 -24.19 -28.08 17.56
N VAL D 16 -25.28 -28.75 17.88
CA VAL D 16 -25.65 -29.99 17.23
C VAL D 16 -26.39 -29.76 15.92
N ARG D 17 -27.07 -28.63 15.81
CA ARG D 17 -27.81 -28.35 14.59
C ARG D 17 -26.81 -28.09 13.48
N GLY D 18 -25.53 -28.16 13.82
CA GLY D 18 -24.50 -27.92 12.84
C GLY D 18 -24.57 -26.49 12.34
N GLY D 19 -23.97 -26.24 11.18
CA GLY D 19 -23.96 -24.92 10.61
C GLY D 19 -23.00 -23.96 11.28
N ASP D 20 -22.06 -24.50 12.06
CA ASP D 20 -21.06 -23.66 12.75
C ASP D 20 -19.84 -23.51 11.85
N GLU D 21 -19.72 -22.36 11.20
CA GLU D 21 -18.59 -22.11 10.32
C GLU D 21 -17.30 -22.35 11.10
N VAL D 22 -16.40 -23.15 10.52
CA VAL D 22 -15.13 -23.46 11.15
C VAL D 22 -13.98 -23.30 10.18
N TYR D 23 -12.90 -22.67 10.66
CA TYR D 23 -11.72 -22.45 9.84
C TYR D 23 -10.76 -23.58 10.15
N LEU D 24 -10.28 -24.25 9.11
CA LEU D 24 -9.36 -25.37 9.31
C LEU D 24 -8.09 -25.25 8.46
N LEU D 25 -6.93 -25.32 9.09
CA LEU D 25 -5.70 -25.21 8.35
C LEU D 25 -5.14 -26.58 8.03
N CYS D 26 -4.51 -26.69 6.85
CA CYS D 26 -3.97 -27.95 6.39
C CYS D 26 -2.82 -27.80 5.39
N ASP D 27 -2.35 -28.92 4.85
CA ASP D 27 -1.27 -28.93 3.87
C ASP D 27 -1.90 -29.10 2.48
N LYS D 28 -1.28 -28.52 1.45
CA LYS D 28 -1.78 -28.55 0.07
C LYS D 28 -2.93 -29.51 -0.18
N VAL D 29 -4.00 -28.98 -0.76
CA VAL D 29 -5.20 -29.77 -1.06
C VAL D 29 -5.89 -29.21 -2.28
N GLN D 30 -6.44 -30.09 -3.10
CA GLN D 30 -7.15 -29.66 -4.30
C GLN D 30 -8.57 -29.27 -3.91
N LYS D 31 -8.98 -28.06 -4.29
CA LYS D 31 -10.32 -27.59 -3.97
C LYS D 31 -11.38 -28.61 -4.37
N ASP D 32 -11.35 -29.04 -5.64
CA ASP D 32 -12.31 -30.02 -6.14
C ASP D 32 -12.19 -31.35 -5.43
N ASP D 33 -10.98 -31.89 -5.41
CA ASP D 33 -10.76 -33.18 -4.78
C ASP D 33 -10.45 -33.08 -3.28
N ILE D 34 -11.49 -32.90 -2.47
CA ILE D 34 -11.29 -32.80 -1.01
C ILE D 34 -12.61 -32.60 -0.28
N GLU D 35 -12.62 -32.98 1.00
CA GLU D 35 -13.79 -32.88 1.85
C GLU D 35 -13.49 -33.20 3.33
N VAL D 36 -14.35 -32.72 4.23
CA VAL D 36 -14.16 -32.95 5.66
C VAL D 36 -15.18 -33.90 6.24
N ARG D 37 -14.77 -35.13 6.53
CA ARG D 37 -15.68 -36.12 7.09
C ARG D 37 -15.68 -36.22 8.62
N PHE D 38 -16.88 -36.21 9.18
CA PHE D 38 -17.08 -36.35 10.61
C PHE D 38 -17.47 -37.81 10.82
N TYR D 39 -16.97 -38.45 11.87
CA TYR D 39 -17.32 -39.83 12.12
C TYR D 39 -17.11 -40.31 13.56
N GLU D 40 -17.43 -41.57 13.81
CA GLU D 40 -17.26 -42.22 15.10
C GLU D 40 -17.18 -43.73 14.90
N ASP D 41 -16.05 -44.34 15.24
CA ASP D 41 -15.90 -45.78 15.04
C ASP D 41 -16.68 -46.67 16.01
N ASP D 42 -17.99 -46.57 15.95
CA ASP D 42 -18.88 -47.38 16.78
C ASP D 42 -19.43 -48.44 15.84
N GLU D 43 -20.36 -49.24 16.33
CA GLU D 43 -20.96 -50.28 15.51
C GLU D 43 -21.65 -49.57 14.35
N ASN D 44 -22.41 -48.54 14.68
CA ASN D 44 -23.16 -47.74 13.71
C ASN D 44 -22.29 -47.14 12.61
N GLY D 45 -21.34 -46.30 12.99
CA GLY D 45 -20.44 -45.68 12.02
C GLY D 45 -21.04 -44.43 11.40
N TRP D 46 -21.52 -43.54 12.25
CA TRP D 46 -22.11 -42.28 11.79
C TRP D 46 -21.09 -41.49 10.98
N GLN D 47 -21.53 -40.91 9.87
CA GLN D 47 -20.67 -40.11 9.03
C GLN D 47 -21.40 -38.87 8.54
N ALA D 48 -20.68 -37.76 8.45
CA ALA D 48 -21.23 -36.49 7.98
C ALA D 48 -20.14 -35.82 7.17
N PHE D 49 -20.51 -34.78 6.43
CA PHE D 49 -19.53 -34.07 5.62
C PHE D 49 -19.65 -32.57 5.82
N GLY D 50 -18.54 -31.92 6.16
CA GLY D 50 -18.56 -30.49 6.34
C GLY D 50 -19.13 -29.87 5.09
N ASP D 51 -19.95 -28.85 5.25
CA ASP D 51 -20.56 -28.22 4.09
C ASP D 51 -19.74 -27.06 3.57
N PHE D 52 -19.54 -27.06 2.26
CA PHE D 52 -18.78 -26.02 1.57
C PHE D 52 -18.58 -26.38 0.11
N SER D 53 -18.36 -25.35 -0.70
CA SER D 53 -18.11 -25.54 -2.12
C SER D 53 -16.63 -25.26 -2.37
N PRO D 54 -16.10 -25.67 -3.53
CA PRO D 54 -14.69 -25.49 -3.91
C PRO D 54 -14.18 -24.06 -3.88
N THR D 55 -15.07 -23.11 -3.62
CA THR D 55 -14.67 -21.71 -3.53
C THR D 55 -14.21 -21.38 -2.09
N ASP D 56 -14.62 -22.22 -1.13
CA ASP D 56 -14.29 -22.01 0.29
C ASP D 56 -12.94 -22.58 0.70
N VAL D 57 -12.24 -23.21 -0.24
CA VAL D 57 -10.93 -23.76 0.05
C VAL D 57 -9.94 -22.63 -0.23
N HIS D 58 -9.40 -22.01 0.82
CA HIS D 58 -8.48 -20.91 0.63
C HIS D 58 -7.07 -21.31 0.21
N LYS D 59 -6.70 -20.96 -1.02
CA LYS D 59 -5.38 -21.23 -1.59
C LYS D 59 -4.79 -22.62 -1.30
N GLN D 60 -5.65 -23.63 -1.25
CA GLN D 60 -5.21 -24.99 -1.02
C GLN D 60 -4.55 -25.28 0.32
N TYR D 61 -4.70 -24.38 1.28
CA TYR D 61 -4.09 -24.58 2.58
C TYR D 61 -5.08 -24.39 3.72
N ALA D 62 -6.23 -23.81 3.41
CA ALA D 62 -7.25 -23.57 4.42
C ALA D 62 -8.65 -23.88 3.91
N ILE D 63 -9.46 -24.46 4.78
CA ILE D 63 -10.82 -24.79 4.41
C ILE D 63 -11.83 -24.18 5.36
N VAL D 64 -12.74 -23.38 4.82
CA VAL D 64 -13.78 -22.73 5.63
C VAL D 64 -15.06 -23.49 5.39
N PHE D 65 -15.64 -24.06 6.44
CA PHE D 65 -16.88 -24.83 6.29
C PHE D 65 -17.77 -24.85 7.52
N ARG D 66 -19.01 -25.31 7.32
CA ARG D 66 -20.01 -25.42 8.37
C ARG D 66 -20.00 -26.84 8.95
N THR D 67 -20.09 -26.95 10.27
CA THR D 67 -20.10 -28.26 10.92
C THR D 67 -21.39 -29.01 10.64
N PRO D 68 -21.31 -30.24 10.13
CA PRO D 68 -22.51 -31.04 9.83
C PRO D 68 -23.26 -31.56 11.08
N PRO D 69 -24.59 -31.32 11.14
CA PRO D 69 -25.48 -31.73 12.25
C PRO D 69 -25.36 -33.17 12.74
N TYR D 70 -25.42 -33.34 14.06
CA TYR D 70 -25.30 -34.66 14.71
C TYR D 70 -26.55 -35.51 14.48
N HIS D 71 -26.39 -36.83 14.46
CA HIS D 71 -27.52 -37.74 14.21
C HIS D 71 -28.66 -37.66 15.23
N LYS D 72 -28.32 -37.35 16.47
CA LYS D 72 -29.36 -37.23 17.46
C LYS D 72 -29.29 -35.84 18.05
N MET D 73 -30.28 -35.02 17.71
CA MET D 73 -30.35 -33.66 18.20
C MET D 73 -30.46 -33.65 19.72
N LYS D 74 -31.63 -34.05 20.23
CA LYS D 74 -31.89 -34.06 21.68
C LYS D 74 -30.84 -34.78 22.53
N ILE D 75 -29.59 -34.36 22.46
CA ILE D 75 -28.54 -35.00 23.26
C ILE D 75 -28.69 -34.57 24.71
N GLU D 76 -28.19 -35.41 25.61
CA GLU D 76 -28.28 -35.14 27.03
C GLU D 76 -27.02 -34.44 27.52
N ARG D 77 -25.87 -34.98 27.15
CA ARG D 77 -24.60 -34.41 27.55
C ARG D 77 -23.68 -34.31 26.35
N PRO D 78 -22.67 -33.42 26.41
CA PRO D 78 -21.70 -33.18 25.33
C PRO D 78 -21.26 -34.45 24.61
N VAL D 79 -20.94 -34.32 23.32
CA VAL D 79 -20.52 -35.47 22.54
C VAL D 79 -19.33 -35.18 21.66
N THR D 80 -18.23 -35.89 21.93
CA THR D 80 -16.98 -35.74 21.18
C THR D 80 -17.02 -36.55 19.91
N VAL D 81 -16.56 -35.96 18.80
CA VAL D 81 -16.53 -36.62 17.50
C VAL D 81 -15.15 -36.56 16.83
N PHE D 82 -14.90 -37.48 15.90
CA PHE D 82 -13.63 -37.53 15.19
C PHE D 82 -13.86 -36.93 13.81
N LEU D 83 -12.78 -36.73 13.07
CA LEU D 83 -12.85 -36.17 11.71
C LEU D 83 -11.48 -36.11 11.03
N GLN D 84 -11.49 -36.02 9.70
CA GLN D 84 -10.27 -35.96 8.92
C GLN D 84 -10.58 -35.48 7.52
N LEU D 85 -9.55 -35.21 6.74
CA LEU D 85 -9.76 -34.78 5.35
C LEU D 85 -9.85 -36.03 4.51
N LYS D 86 -10.11 -35.85 3.22
CA LYS D 86 -10.23 -36.97 2.31
C LYS D 86 -10.36 -36.43 0.89
N ARG D 87 -9.70 -37.10 -0.05
CA ARG D 87 -9.72 -36.68 -1.45
C ARG D 87 -10.76 -37.44 -2.29
N LYS D 88 -11.96 -36.89 -2.36
CA LYS D 88 -13.06 -37.49 -3.10
C LYS D 88 -12.77 -38.76 -3.91
N ARG D 89 -11.95 -38.62 -4.96
CA ARG D 89 -11.61 -39.75 -5.84
C ARG D 89 -10.90 -40.92 -5.20
N GLY D 90 -9.64 -40.72 -4.81
CA GLY D 90 -8.89 -41.80 -4.18
C GLY D 90 -9.51 -42.33 -2.91
N GLY D 91 -8.67 -42.56 -1.91
CA GLY D 91 -9.16 -43.05 -0.64
C GLY D 91 -8.26 -42.61 0.49
N ASP D 92 -7.43 -41.61 0.22
CA ASP D 92 -6.51 -41.09 1.22
C ASP D 92 -7.20 -40.23 2.26
N VAL D 93 -6.71 -40.36 3.50
CA VAL D 93 -7.26 -39.64 4.64
C VAL D 93 -6.15 -38.89 5.38
N SER D 94 -6.55 -38.09 6.36
CA SER D 94 -5.58 -37.35 7.15
C SER D 94 -5.61 -37.75 8.62
N ASP D 95 -5.20 -36.81 9.47
CA ASP D 95 -5.17 -37.05 10.91
C ASP D 95 -6.60 -37.02 11.43
N SER D 96 -6.76 -37.17 12.73
CA SER D 96 -8.08 -37.16 13.32
C SER D 96 -8.15 -36.35 14.60
N LYS D 97 -8.53 -35.09 14.44
CA LYS D 97 -8.67 -34.17 15.57
C LYS D 97 -10.05 -34.43 16.14
N GLN D 98 -10.48 -33.63 17.12
CA GLN D 98 -11.78 -33.86 17.69
C GLN D 98 -12.66 -32.64 17.86
N PHE D 99 -13.91 -32.81 17.45
CA PHE D 99 -14.94 -31.79 17.52
C PHE D 99 -15.92 -32.30 18.58
N THR D 100 -16.72 -31.41 19.14
CA THR D 100 -17.68 -31.83 20.16
C THR D 100 -19.00 -31.12 19.98
N TYR D 101 -20.08 -31.76 20.43
CA TYR D 101 -21.41 -31.20 20.30
C TYR D 101 -22.04 -30.75 21.61
N TYR D 102 -23.10 -29.93 21.50
CA TYR D 102 -23.81 -29.40 22.65
C TYR D 102 -25.31 -29.32 22.43
N PRO D 103 -26.10 -29.72 23.45
CA PRO D 103 -27.56 -29.69 23.39
C PRO D 103 -28.09 -28.34 22.89
#